data_7VSL
#
_entry.id   7VSL
#
_cell.length_a   76.089
_cell.length_b   131.662
_cell.length_c   101.507
_cell.angle_alpha   90.000
_cell.angle_beta   90.000
_cell.angle_gamma   90.000
#
_symmetry.space_group_name_H-M   'C 2 2 21'
#
loop_
_entity.id
_entity.type
_entity.pdbx_description
1 polymer "High affinity cAMP-specific and IBMX-insensitive 3',5'-cyclic phosphodiesterase 8A"
2 non-polymer 'ZINC ION'
3 non-polymer 'MAGNESIUM ION'
4 non-polymer 2-chloro-9-(3-(2,2-difluoroethoxy)benzyl)-9H-purin-6-amine
5 water water
#
_entity_poly.entity_id   1
_entity_poly.type   'polypeptide(L)'
_entity_poly.pdbx_seq_one_letter_code
;DDVPPRIARAMENEEYWDFDIFELEAATHNRPLIYLGLKMFARFGICEFLHCSESTLRSWLQIIEANYHSSNPYHNSTHS
ADVLHATAYFLSKERIKETLDPIDEVAALIAATIHDVDHPGRTNSFLCNAGSELAILYNDTAVLESHHAALAFQLTTGDD
KCNIFKNMERNDYRTLRQGIIDMVLATEMTKHFEHVNKFVNSINKPLATLEENGETDKNQEVINTMLRTPENRTLIKRML
IKCADVSNPCRPLQYCIEWAARISEEYFSQTDEEKQQGLPVVMPVFDRNTCSIPKSQISFIDYFITDMFDAWDAFVDLPD
LMQHLDNNFKYWKGLDEM
;
_entity_poly.pdbx_strand_id   A
#
loop_
_chem_comp.id
_chem_comp.type
_chem_comp.name
_chem_comp.formula
7XI non-polymer 2-chloro-9-(3-(2,2-difluoroethoxy)benzyl)-9H-purin-6-amine 'C14 H12 Cl F2 N5 O'
MG non-polymer 'MAGNESIUM ION' 'Mg 2'
ZN non-polymer 'ZINC ION' 'Zn 2'
#
# COMPACT_ATOMS: atom_id res chain seq x y z
N ASP A 1 -8.68 23.41 -3.44
CA ASP A 1 -10.12 23.65 -3.52
C ASP A 1 -10.61 23.80 -4.98
N ASP A 2 -10.05 24.77 -5.70
CA ASP A 2 -10.44 25.10 -7.08
C ASP A 2 -9.80 24.09 -8.04
N VAL A 3 -10.44 22.94 -8.17
CA VAL A 3 -9.97 21.83 -8.99
C VAL A 3 -10.67 21.92 -10.34
N PRO A 4 -10.04 21.53 -11.45
CA PRO A 4 -10.73 21.52 -12.75
C PRO A 4 -11.80 20.44 -12.80
N PRO A 5 -12.81 20.60 -13.66
CA PRO A 5 -14.01 19.74 -13.57
C PRO A 5 -13.75 18.27 -13.80
N ARG A 6 -12.94 17.87 -14.79
CA ARG A 6 -12.77 16.45 -15.05
C ARG A 6 -12.09 15.76 -13.87
N ILE A 7 -11.05 16.38 -13.30
CA ILE A 7 -10.36 15.82 -12.14
C ILE A 7 -11.29 15.83 -10.93
N ALA A 8 -12.13 16.86 -10.80
CA ALA A 8 -13.15 16.85 -9.75
C ALA A 8 -14.12 15.70 -9.96
N ARG A 9 -14.56 15.47 -11.20
CA ARG A 9 -15.50 14.38 -11.44
C ARG A 9 -14.84 13.02 -11.25
N ALA A 10 -13.52 12.93 -11.49
CA ALA A 10 -12.83 11.66 -11.28
C ALA A 10 -12.75 11.28 -9.81
N MET A 11 -12.87 12.25 -8.89
CA MET A 11 -12.68 12.01 -7.46
C MET A 11 -13.99 12.00 -6.69
N GLU A 12 -15.11 11.75 -7.37
CA GLU A 12 -16.41 11.92 -6.72
C GLU A 12 -16.66 10.80 -5.72
N ASN A 13 -16.55 9.54 -6.16
CA ASN A 13 -16.96 8.43 -5.31
C ASN A 13 -15.76 7.71 -4.71
N GLU A 14 -14.92 8.46 -4.00
CA GLU A 14 -13.66 7.88 -3.50
C GLU A 14 -13.80 7.14 -2.17
N GLU A 15 -14.91 7.32 -1.44
CA GLU A 15 -15.14 6.43 -0.30
C GLU A 15 -15.47 5.02 -0.76
N TYR A 16 -15.93 4.88 -2.00
CA TYR A 16 -16.41 3.59 -2.48
C TYR A 16 -15.23 2.72 -2.93
N TRP A 17 -15.43 1.40 -2.92
CA TRP A 17 -14.34 0.50 -3.32
C TRP A 17 -14.13 0.54 -4.82
N ASP A 18 -15.21 0.59 -5.59
CA ASP A 18 -15.16 0.78 -7.05
C ASP A 18 -14.81 2.23 -7.33
N PHE A 19 -13.64 2.44 -7.92
CA PHE A 19 -13.12 3.79 -8.10
C PHE A 19 -12.24 3.76 -9.34
N ASP A 20 -12.38 4.77 -10.20
CA ASP A 20 -11.76 4.69 -11.51
C ASP A 20 -10.40 5.40 -11.43
N ILE A 21 -9.41 4.64 -10.93
CA ILE A 21 -8.12 5.22 -10.62
C ILE A 21 -7.40 5.59 -11.89
N PHE A 22 -7.67 4.86 -12.98
CA PHE A 22 -7.03 5.14 -14.25
C PHE A 22 -7.63 6.34 -14.95
N GLU A 23 -8.92 6.59 -14.74
CA GLU A 23 -9.48 7.85 -15.21
C GLU A 23 -8.90 9.02 -14.43
N LEU A 24 -8.67 8.83 -13.11
CA LEU A 24 -8.01 9.89 -12.36
C LEU A 24 -6.58 10.08 -12.87
N GLU A 25 -5.92 8.98 -13.28
CA GLU A 25 -4.57 9.05 -13.83
C GLU A 25 -4.57 9.85 -15.14
N ALA A 26 -5.52 9.54 -16.05
CA ALA A 26 -5.59 10.25 -17.33
C ALA A 26 -5.99 11.71 -17.13
N ALA A 27 -6.96 11.97 -16.25
CA ALA A 27 -7.42 13.35 -16.09
C ALA A 27 -6.36 14.23 -15.44
N THR A 28 -5.57 13.67 -14.52
CA THR A 28 -4.53 14.45 -13.86
C THR A 28 -3.23 14.48 -14.65
N HIS A 29 -3.15 13.75 -15.78
CA HIS A 29 -1.94 13.62 -16.58
C HIS A 29 -0.77 13.08 -15.76
N ASN A 30 -0.97 11.90 -15.17
CA ASN A 30 0.04 11.22 -14.35
C ASN A 30 0.38 12.04 -13.08
N ARG A 31 -0.64 12.69 -12.50
CA ARG A 31 -0.53 13.34 -11.19
C ARG A 31 -1.71 12.96 -10.29
N PRO A 32 -2.03 11.67 -10.14
CA PRO A 32 -3.19 11.32 -9.29
C PRO A 32 -2.93 11.51 -7.80
N LEU A 33 -1.67 11.35 -7.36
CA LEU A 33 -1.38 11.37 -5.93
C LEU A 33 -1.66 12.74 -5.32
N ILE A 34 -1.29 13.83 -6.00
CA ILE A 34 -1.43 15.15 -5.39
C ILE A 34 -2.91 15.49 -5.21
N TYR A 35 -3.76 15.15 -6.20
CA TYR A 35 -5.18 15.51 -6.13
C TYR A 35 -5.92 14.57 -5.18
N LEU A 36 -5.62 13.27 -5.23
CA LEU A 36 -6.29 12.35 -4.31
C LEU A 36 -5.73 12.49 -2.89
N GLY A 37 -4.45 12.85 -2.73
CA GLY A 37 -3.93 13.13 -1.40
C GLY A 37 -4.62 14.32 -0.74
N LEU A 38 -4.77 15.42 -1.49
CA LEU A 38 -5.38 16.61 -0.93
C LEU A 38 -6.78 16.31 -0.44
N LYS A 39 -7.58 15.62 -1.24
CA LYS A 39 -8.94 15.29 -0.83
C LYS A 39 -8.93 14.34 0.39
N MET A 40 -8.08 13.29 0.37
CA MET A 40 -8.09 12.32 1.46
C MET A 40 -7.55 12.92 2.76
N PHE A 41 -6.44 13.67 2.67
CA PHE A 41 -5.89 14.27 3.88
C PHE A 41 -6.84 15.30 4.47
N ALA A 42 -7.58 16.01 3.61
CA ALA A 42 -8.57 16.98 4.08
C ALA A 42 -9.70 16.28 4.80
N ARG A 43 -10.24 15.20 4.18
CA ARG A 43 -11.38 14.47 4.75
C ARG A 43 -11.02 13.83 6.09
N PHE A 44 -9.80 13.34 6.24
CA PHE A 44 -9.36 12.75 7.51
C PHE A 44 -8.88 13.80 8.50
N GLY A 45 -8.63 15.03 8.03
CA GLY A 45 -8.24 16.12 8.91
C GLY A 45 -6.79 16.00 9.30
N ILE A 46 -5.92 15.77 8.33
CA ILE A 46 -4.56 15.44 8.67
C ILE A 46 -3.77 16.68 9.03
N CYS A 47 -3.90 17.75 8.24
CA CYS A 47 -3.19 18.96 8.59
C CYS A 47 -3.73 19.60 9.87
N GLU A 48 -5.00 19.35 10.23
CA GLU A 48 -5.46 19.80 11.54
C GLU A 48 -4.73 19.07 12.66
N PHE A 49 -4.36 17.80 12.43
CA PHE A 49 -3.64 17.02 13.43
C PHE A 49 -2.16 17.41 13.46
N LEU A 50 -1.59 17.64 12.29
CA LEU A 50 -0.17 17.96 12.14
C LEU A 50 0.13 19.44 12.22
N HIS A 51 -0.90 20.29 12.20
CA HIS A 51 -0.72 21.74 12.20
C HIS A 51 0.14 22.19 11.03
N CYS A 52 -0.23 21.73 9.84
CA CYS A 52 0.39 22.19 8.60
C CYS A 52 -0.63 22.98 7.79
N SER A 53 -0.12 23.86 6.94
CA SER A 53 -1.00 24.60 6.04
C SER A 53 -1.37 23.74 4.85
N GLU A 54 -2.45 24.13 4.17
CA GLU A 54 -2.78 23.50 2.89
C GLU A 54 -1.65 23.72 1.88
N SER A 55 -0.87 24.78 2.05
CA SER A 55 0.20 25.04 1.11
C SER A 55 1.43 24.21 1.40
N THR A 56 1.63 23.85 2.68
CA THR A 56 2.73 22.94 3.05
C THR A 56 2.44 21.51 2.61
N LEU A 57 1.16 21.10 2.69
CA LEU A 57 0.77 19.77 2.22
C LEU A 57 0.87 19.68 0.70
N ARG A 58 0.45 20.74 -0.01
CA ARG A 58 0.56 20.75 -1.46
C ARG A 58 2.00 20.52 -1.91
N SER A 59 2.96 21.30 -1.37
CA SER A 59 4.37 21.13 -1.76
C SER A 59 4.89 19.74 -1.41
N TRP A 60 4.41 19.16 -0.30
CA TRP A 60 4.87 17.83 0.12
C TRP A 60 4.43 16.76 -0.87
N LEU A 61 3.12 16.71 -1.18
CA LEU A 61 2.61 15.84 -2.22
C LEU A 61 3.33 16.06 -3.55
N GLN A 62 3.64 17.30 -3.90
CA GLN A 62 4.33 17.57 -5.16
C GLN A 62 5.70 16.90 -5.18
N ILE A 63 6.52 17.10 -4.14
CA ILE A 63 7.88 16.62 -4.23
C ILE A 63 7.92 15.10 -4.09
N ILE A 64 6.93 14.52 -3.38
CA ILE A 64 6.83 13.07 -3.26
C ILE A 64 6.41 12.44 -4.59
N GLU A 65 5.30 12.93 -5.16
CA GLU A 65 4.87 12.44 -6.46
C GLU A 65 5.95 12.60 -7.53
N ALA A 66 6.68 13.72 -7.52
CA ALA A 66 7.72 13.98 -8.54
C ALA A 66 8.75 12.87 -8.57
N ASN A 67 9.10 12.32 -7.40
CA ASN A 67 10.13 11.30 -7.27
C ASN A 67 9.59 9.90 -7.54
N TYR A 68 8.32 9.78 -7.89
CA TYR A 68 7.78 8.56 -8.47
C TYR A 68 8.04 8.57 -9.98
N HIS A 69 8.62 7.50 -10.50
CA HIS A 69 9.08 7.44 -11.88
C HIS A 69 7.90 7.11 -12.80
N SER A 70 7.43 8.10 -13.59
CA SER A 70 6.41 7.84 -14.62
C SER A 70 6.79 6.69 -15.57
N SER A 71 8.07 6.51 -15.89
CA SER A 71 8.42 5.47 -16.86
C SER A 71 8.16 4.07 -16.34
N ASN A 72 7.99 3.89 -15.03
CA ASN A 72 7.67 2.57 -14.48
C ASN A 72 6.24 2.19 -14.88
N PRO A 73 5.99 1.01 -15.46
CA PRO A 73 4.61 0.64 -15.79
C PRO A 73 3.71 0.55 -14.57
N TYR A 74 4.20 -0.08 -13.49
CA TYR A 74 3.42 -0.27 -12.27
C TYR A 74 3.82 0.70 -11.16
N HIS A 75 5.11 0.75 -10.84
CA HIS A 75 5.59 1.41 -9.61
C HIS A 75 5.77 2.91 -9.85
N ASN A 76 4.63 3.56 -10.13
CA ASN A 76 4.62 4.98 -10.37
C ASN A 76 3.65 5.61 -9.40
N SER A 77 3.42 6.92 -9.51
CA SER A 77 2.59 7.54 -8.49
C SER A 77 1.15 7.04 -8.56
N THR A 78 0.71 6.45 -9.71
CA THR A 78 -0.66 5.92 -9.76
C THR A 78 -0.83 4.76 -8.80
N HIS A 79 0.19 3.89 -8.70
CA HIS A 79 0.18 2.83 -7.71
C HIS A 79 0.06 3.37 -6.29
N SER A 80 0.82 4.43 -5.97
CA SER A 80 0.77 4.95 -4.62
C SER A 80 -0.61 5.53 -4.33
N ALA A 81 -1.20 6.25 -5.29
CA ALA A 81 -2.54 6.80 -5.07
C ALA A 81 -3.56 5.70 -4.87
N ASP A 82 -3.43 4.60 -5.64
CA ASP A 82 -4.29 3.43 -5.45
C ASP A 82 -4.13 2.83 -4.04
N VAL A 83 -2.90 2.74 -3.54
CA VAL A 83 -2.67 2.18 -2.23
C VAL A 83 -3.20 3.12 -1.16
N LEU A 84 -3.14 4.42 -1.43
CA LEU A 84 -3.76 5.42 -0.55
C LEU A 84 -5.29 5.27 -0.55
N HIS A 85 -5.88 4.99 -1.71
CA HIS A 85 -7.32 4.75 -1.75
C HIS A 85 -7.70 3.51 -0.93
N ALA A 86 -6.98 2.39 -1.12
CA ALA A 86 -7.32 1.18 -0.34
C ALA A 86 -7.06 1.41 1.15
N THR A 87 -6.01 2.18 1.49
CA THR A 87 -5.74 2.48 2.89
C THR A 87 -6.89 3.28 3.52
N ALA A 88 -7.33 4.34 2.85
CA ALA A 88 -8.44 5.12 3.38
C ALA A 88 -9.70 4.26 3.51
N TYR A 89 -9.96 3.39 2.54
CA TYR A 89 -11.12 2.52 2.65
C TYR A 89 -11.03 1.62 3.89
N PHE A 90 -9.86 1.07 4.20
CA PHE A 90 -9.75 0.19 5.37
C PHE A 90 -9.90 0.96 6.68
N LEU A 91 -9.24 2.13 6.80
CA LEU A 91 -9.38 2.98 7.99
C LEU A 91 -10.85 3.32 8.26
N SER A 92 -11.62 3.61 7.21
CA SER A 92 -13.02 3.95 7.36
C SER A 92 -13.89 2.78 7.83
N LYS A 93 -13.39 1.54 7.87
CA LYS A 93 -14.22 0.40 8.27
C LYS A 93 -14.38 0.37 9.78
N GLU A 94 -15.53 -0.15 10.22
CA GLU A 94 -15.90 -0.03 11.62
C GLU A 94 -14.85 -0.65 12.54
N ARG A 95 -14.27 -1.81 12.16
CA ARG A 95 -13.33 -2.50 13.03
C ARG A 95 -12.02 -1.72 13.19
N ILE A 96 -11.61 -1.04 12.13
CA ILE A 96 -10.37 -0.29 12.23
C ILE A 96 -10.63 1.02 12.96
N LYS A 97 -11.78 1.65 12.70
CA LYS A 97 -12.13 2.89 13.39
C LYS A 97 -12.16 2.70 14.91
N GLU A 98 -12.74 1.59 15.38
CA GLU A 98 -12.85 1.41 16.81
C GLU A 98 -11.61 0.79 17.44
N THR A 99 -10.58 0.51 16.64
CA THR A 99 -9.35 -0.12 17.13
C THR A 99 -8.16 0.82 17.10
N LEU A 100 -8.05 1.59 16.02
CA LEU A 100 -6.90 2.44 15.79
C LEU A 100 -7.17 3.84 16.34
N ASP A 101 -6.08 4.53 16.69
CA ASP A 101 -6.11 5.90 17.19
C ASP A 101 -5.81 6.87 16.06
N PRO A 102 -6.18 8.16 16.19
CA PRO A 102 -5.92 9.12 15.10
C PRO A 102 -4.47 9.18 14.65
N ILE A 103 -3.50 8.94 15.53
CA ILE A 103 -2.12 9.02 15.10
C ILE A 103 -1.80 7.85 14.16
N ASP A 104 -2.52 6.72 14.31
CA ASP A 104 -2.33 5.57 13.44
C ASP A 104 -2.85 5.86 12.04
N GLU A 105 -4.05 6.46 11.95
CA GLU A 105 -4.59 6.90 10.68
C GLU A 105 -3.62 7.81 9.95
N VAL A 106 -3.00 8.76 10.67
CA VAL A 106 -2.04 9.66 10.04
C VAL A 106 -0.82 8.88 9.55
N ALA A 107 -0.41 7.86 10.32
CA ALA A 107 0.75 7.07 9.95
C ALA A 107 0.45 6.22 8.73
N ALA A 108 -0.79 5.70 8.62
CA ALA A 108 -1.16 4.86 7.49
C ALA A 108 -1.26 5.67 6.21
N LEU A 109 -1.97 6.80 6.25
CA LEU A 109 -2.14 7.57 5.02
C LEU A 109 -0.81 8.15 4.52
N ILE A 110 0.08 8.62 5.42
CA ILE A 110 1.38 9.09 4.93
C ILE A 110 2.19 7.93 4.37
N ALA A 111 2.10 6.77 5.04
CA ALA A 111 2.89 5.61 4.65
C ALA A 111 2.49 5.12 3.26
N ALA A 112 1.17 5.03 2.99
CA ALA A 112 0.71 4.65 1.65
C ALA A 112 1.24 5.62 0.60
N THR A 113 1.25 6.92 0.92
CA THR A 113 1.72 7.94 -0.03
C THR A 113 3.19 7.72 -0.37
N ILE A 114 4.02 7.43 0.63
CA ILE A 114 5.46 7.42 0.40
C ILE A 114 6.04 6.04 0.16
N HIS A 115 5.24 4.98 0.25
CA HIS A 115 5.83 3.66 0.49
C HIS A 115 6.66 3.13 -0.68
N ASP A 116 6.50 3.67 -1.90
CA ASP A 116 7.34 3.21 -3.02
C ASP A 116 8.12 4.35 -3.68
N VAL A 117 8.26 5.49 -2.99
CA VAL A 117 8.86 6.66 -3.64
C VAL A 117 10.26 6.31 -4.15
N ASP A 118 10.55 6.73 -5.40
CA ASP A 118 11.81 6.55 -6.11
C ASP A 118 12.11 5.07 -6.40
N HIS A 119 11.07 4.25 -6.45
CA HIS A 119 11.18 2.91 -6.98
C HIS A 119 11.77 2.96 -8.39
N PRO A 120 12.81 2.14 -8.70
CA PRO A 120 13.38 2.12 -10.06
C PRO A 120 12.76 1.05 -10.96
N GLY A 121 11.67 0.43 -10.53
CA GLY A 121 11.04 -0.55 -11.40
C GLY A 121 11.76 -1.88 -11.45
N ARG A 122 12.67 -2.09 -10.49
CA ARG A 122 13.44 -3.32 -10.34
C ARG A 122 13.28 -3.85 -8.91
N THR A 123 13.43 -5.17 -8.74
CA THR A 123 13.25 -5.75 -7.42
C THR A 123 14.52 -5.57 -6.55
N ASN A 124 14.35 -5.77 -5.24
CA ASN A 124 15.51 -5.79 -4.35
C ASN A 124 16.54 -6.79 -4.85
N SER A 125 16.10 -8.01 -5.24
CA SER A 125 17.05 -9.05 -5.65
C SER A 125 17.85 -8.63 -6.89
N PHE A 126 17.25 -7.81 -7.76
CA PHE A 126 17.99 -7.28 -8.90
C PHE A 126 19.11 -6.37 -8.44
N LEU A 127 18.78 -5.39 -7.58
CA LEU A 127 19.77 -4.46 -7.08
C LEU A 127 20.91 -5.18 -6.36
N CYS A 128 20.62 -6.22 -5.58
CA CYS A 128 21.71 -6.91 -4.88
C CYS A 128 22.63 -7.64 -5.85
N ASN A 129 22.05 -8.40 -6.81
CA ASN A 129 22.85 -9.10 -7.82
C ASN A 129 23.65 -8.13 -8.68
N ALA A 130 23.08 -6.96 -8.97
CA ALA A 130 23.77 -5.96 -9.79
C ALA A 130 24.82 -5.17 -8.99
N GLY A 131 24.70 -5.15 -7.67
CA GLY A 131 25.56 -4.33 -6.85
C GLY A 131 25.22 -2.85 -6.98
N SER A 132 23.93 -2.55 -6.99
CA SER A 132 23.51 -1.17 -7.23
C SER A 132 23.88 -0.29 -6.02
N GLU A 133 23.83 1.03 -6.23
CA GLU A 133 24.24 1.96 -5.18
C GLU A 133 23.43 1.74 -3.91
N LEU A 134 22.11 1.55 -4.05
CA LEU A 134 21.29 1.38 -2.87
C LEU A 134 21.48 0.00 -2.24
N ALA A 135 21.90 -1.00 -3.00
CA ALA A 135 22.18 -2.30 -2.39
C ALA A 135 23.48 -2.25 -1.60
N ILE A 136 24.42 -1.41 -2.04
CA ILE A 136 25.65 -1.26 -1.27
C ILE A 136 25.40 -0.33 -0.09
N LEU A 137 24.54 0.67 -0.31
CA LEU A 137 24.16 1.61 0.73
C LEU A 137 23.37 0.95 1.86
N TYR A 138 22.49 0.00 1.54
CA TYR A 138 21.66 -0.66 2.55
C TYR A 138 22.06 -2.12 2.80
N ASN A 139 23.23 -2.53 2.31
CA ASN A 139 23.83 -3.81 2.71
C ASN A 139 22.96 -5.00 2.34
N ASP A 140 22.25 -4.89 1.21
CA ASP A 140 21.41 -5.95 0.63
C ASP A 140 20.20 -6.28 1.49
N THR A 141 19.87 -5.40 2.44
CA THR A 141 18.84 -5.68 3.44
C THR A 141 17.73 -4.68 3.20
N ALA A 142 16.57 -5.19 2.82
CA ALA A 142 15.37 -4.36 2.62
C ALA A 142 15.73 -3.14 1.80
N VAL A 143 16.40 -3.37 0.67
CA VAL A 143 17.10 -2.27 0.00
C VAL A 143 16.12 -1.16 -0.37
N LEU A 144 15.05 -1.50 -1.10
CA LEU A 144 14.17 -0.43 -1.58
C LEU A 144 13.28 0.10 -0.46
N GLU A 145 12.84 -0.78 0.46
CA GLU A 145 11.97 -0.34 1.57
C GLU A 145 12.68 0.69 2.45
N SER A 146 13.95 0.44 2.80
CA SER A 146 14.73 1.44 3.52
C SER A 146 14.88 2.71 2.71
N HIS A 147 15.09 2.60 1.40
CA HIS A 147 15.25 3.80 0.58
C HIS A 147 13.98 4.64 0.56
N HIS A 148 12.82 3.99 0.35
CA HIS A 148 11.56 4.73 0.28
C HIS A 148 11.36 5.56 1.55
N ALA A 149 11.41 4.92 2.72
CA ALA A 149 11.19 5.67 3.96
C ALA A 149 12.23 6.78 4.12
N ALA A 150 13.52 6.46 3.89
CA ALA A 150 14.57 7.43 4.15
C ALA A 150 14.45 8.62 3.21
N LEU A 151 14.39 8.37 1.90
CA LEU A 151 14.29 9.47 0.96
C LEU A 151 13.06 10.33 1.27
N ALA A 152 11.94 9.69 1.61
CA ALA A 152 10.74 10.45 1.97
C ALA A 152 11.01 11.38 3.14
N PHE A 153 11.80 10.94 4.11
CA PHE A 153 12.09 11.83 5.23
C PHE A 153 13.13 12.87 4.84
N GLN A 154 14.09 12.51 3.99
CA GLN A 154 15.02 13.49 3.43
C GLN A 154 14.28 14.59 2.65
N LEU A 155 13.31 14.22 1.80
CA LEU A 155 12.60 15.25 1.02
C LEU A 155 11.73 16.13 1.92
N THR A 156 11.08 15.55 2.93
CA THR A 156 10.12 16.27 3.77
C THR A 156 10.81 17.28 4.67
N THR A 157 11.73 16.80 5.50
CA THR A 157 12.37 17.64 6.50
C THR A 157 13.54 18.43 5.94
N GLY A 158 14.04 18.07 4.76
CA GLY A 158 15.21 18.76 4.21
C GLY A 158 14.91 20.17 3.76
N ASP A 159 13.64 20.46 3.49
CA ASP A 159 13.20 21.76 3.02
C ASP A 159 12.10 22.25 3.95
N ASP A 160 12.13 23.54 4.28
CA ASP A 160 11.10 24.08 5.15
C ASP A 160 9.76 24.17 4.45
N LYS A 161 9.74 24.28 3.11
CA LYS A 161 8.46 24.37 2.38
C LYS A 161 7.66 23.07 2.49
N CYS A 162 8.35 21.92 2.49
CA CYS A 162 7.77 20.58 2.39
C CYS A 162 7.53 19.89 3.73
N ASN A 163 8.09 20.42 4.80
CA ASN A 163 8.05 19.75 6.10
C ASN A 163 6.66 19.86 6.70
N ILE A 164 5.83 18.82 6.50
CA ILE A 164 4.53 18.76 7.14
C ILE A 164 4.63 18.41 8.61
N PHE A 165 5.81 18.08 9.10
CA PHE A 165 5.97 17.71 10.49
C PHE A 165 6.52 18.83 11.35
N LYS A 166 6.73 20.03 10.78
CA LYS A 166 7.58 21.02 11.43
C LYS A 166 6.92 21.65 12.65
N ASN A 167 5.59 21.73 12.66
CA ASN A 167 4.84 22.32 13.77
C ASN A 167 4.37 21.29 14.78
N MET A 168 4.90 20.06 14.74
CA MET A 168 4.51 19.02 15.71
C MET A 168 5.36 19.11 16.97
N GLU A 169 4.87 18.48 18.03
CA GLU A 169 5.62 18.45 19.27
C GLU A 169 6.66 17.35 19.22
N ARG A 170 7.62 17.43 20.15
CA ARG A 170 8.75 16.52 20.12
C ARG A 170 8.30 15.07 20.19
N ASN A 171 7.45 14.73 21.17
CA ASN A 171 7.10 13.33 21.38
C ASN A 171 6.21 12.81 20.27
N ASP A 172 5.23 13.61 19.83
CA ASP A 172 4.31 13.15 18.80
C ASP A 172 5.05 12.78 17.52
N TYR A 173 6.07 13.58 17.14
CA TYR A 173 6.78 13.30 15.90
C TYR A 173 7.59 12.01 16.01
N ARG A 174 8.25 11.77 17.15
CA ARG A 174 9.00 10.54 17.31
C ARG A 174 8.08 9.32 17.19
N THR A 175 6.87 9.40 17.74
CA THR A 175 5.93 8.28 17.68
C THR A 175 5.41 8.07 16.27
N LEU A 176 5.09 9.18 15.58
CA LEU A 176 4.55 9.12 14.24
C LEU A 176 5.62 8.70 13.24
N ARG A 177 6.87 9.17 13.42
CA ARG A 177 7.95 8.76 12.53
C ARG A 177 8.23 7.27 12.66
N GLN A 178 8.17 6.72 13.88
CA GLN A 178 8.38 5.29 14.06
C GLN A 178 7.23 4.48 13.45
N GLY A 179 5.99 5.01 13.50
CA GLY A 179 4.87 4.33 12.87
C GLY A 179 4.98 4.25 11.37
N ILE A 180 5.36 5.36 10.72
CA ILE A 180 5.51 5.38 9.28
C ILE A 180 6.59 4.43 8.84
N ILE A 181 7.77 4.51 9.45
CA ILE A 181 8.89 3.65 9.09
C ILE A 181 8.47 2.17 9.18
N ASP A 182 7.81 1.80 10.29
CA ASP A 182 7.38 0.43 10.46
C ASP A 182 6.38 0.02 9.37
N MET A 183 5.42 0.87 9.00
CA MET A 183 4.49 0.43 7.95
C MET A 183 5.19 0.33 6.60
N VAL A 184 6.05 1.30 6.27
CA VAL A 184 6.78 1.25 5.02
C VAL A 184 7.68 0.02 4.97
N LEU A 185 8.39 -0.28 6.05
CA LEU A 185 9.28 -1.43 6.02
C LEU A 185 8.51 -2.74 5.98
N ALA A 186 7.30 -2.77 6.51
CA ALA A 186 6.54 -4.02 6.54
C ALA A 186 6.11 -4.51 5.17
N THR A 187 6.22 -3.70 4.12
CA THR A 187 5.84 -4.08 2.77
C THR A 187 6.87 -4.99 2.11
N GLU A 188 8.05 -5.19 2.72
CA GLU A 188 9.09 -6.04 2.14
C GLU A 188 8.59 -7.47 2.00
N MET A 189 8.88 -8.05 0.83
CA MET A 189 8.36 -9.35 0.50
C MET A 189 8.82 -10.42 1.47
N THR A 190 10.12 -10.43 1.83
CA THR A 190 10.68 -11.55 2.60
C THR A 190 9.97 -11.71 3.93
N LYS A 191 9.33 -10.67 4.45
CA LYS A 191 8.65 -10.77 5.73
C LYS A 191 7.16 -11.06 5.59
N HIS A 192 6.72 -11.51 4.40
CA HIS A 192 5.30 -11.64 4.12
C HIS A 192 4.61 -12.60 5.08
N PHE A 193 5.04 -13.87 5.09
CA PHE A 193 4.42 -14.89 5.94
C PHE A 193 4.65 -14.61 7.42
N GLU A 194 5.80 -14.01 7.79
CA GLU A 194 6.02 -13.62 9.18
C GLU A 194 4.95 -12.62 9.63
N HIS A 195 4.64 -11.62 8.81
CA HIS A 195 3.67 -10.61 9.22
C HIS A 195 2.25 -11.14 9.15
N VAL A 196 1.97 -12.09 8.26
CA VAL A 196 0.64 -12.66 8.20
C VAL A 196 0.40 -13.58 9.40
N ASN A 197 1.37 -14.47 9.70
CA ASN A 197 1.21 -15.39 10.82
C ASN A 197 1.11 -14.67 12.16
N LYS A 198 1.87 -13.58 12.35
CA LYS A 198 1.72 -12.79 13.58
C LYS A 198 0.32 -12.20 13.68
N PHE A 199 -0.26 -11.79 12.56
CA PHE A 199 -1.61 -11.24 12.60
C PHE A 199 -2.64 -12.32 12.93
N VAL A 200 -2.49 -13.51 12.33
CA VAL A 200 -3.45 -14.58 12.60
C VAL A 200 -3.37 -14.97 14.06
N ASN A 201 -2.13 -15.16 14.57
CA ASN A 201 -1.89 -15.79 15.86
C ASN A 201 -2.25 -14.85 17.01
N SER A 202 -1.93 -13.56 16.87
CA SER A 202 -2.10 -12.58 17.95
C SER A 202 -3.42 -11.82 17.87
N ILE A 203 -4.12 -11.91 16.75
CA ILE A 203 -5.35 -11.12 16.61
C ILE A 203 -6.54 -12.02 16.33
N ASN A 204 -6.51 -12.70 15.17
CA ASN A 204 -7.65 -13.48 14.72
C ASN A 204 -7.99 -14.61 15.70
N LYS A 205 -6.99 -15.40 16.09
CA LYS A 205 -7.30 -16.54 16.97
C LYS A 205 -7.72 -16.08 18.36
N PRO A 206 -6.99 -15.18 19.05
CA PRO A 206 -7.52 -14.61 20.31
C PRO A 206 -8.89 -13.99 20.15
N LEU A 207 -9.13 -13.24 19.07
CA LEU A 207 -10.42 -12.60 18.93
C LEU A 207 -11.53 -13.61 18.68
N ALA A 208 -11.22 -14.73 18.00
CA ALA A 208 -12.22 -15.75 17.74
C ALA A 208 -12.55 -16.51 19.02
N THR A 209 -11.55 -16.68 19.90
CA THR A 209 -11.80 -17.33 21.18
C THR A 209 -12.79 -16.53 22.01
N LEU A 210 -12.57 -15.22 22.11
CA LEU A 210 -13.40 -14.36 22.96
C LEU A 210 -14.78 -14.15 22.37
N GLU A 211 -14.92 -14.31 21.05
CA GLU A 211 -16.25 -14.17 20.46
C GLU A 211 -17.12 -15.38 20.72
N GLU A 212 -16.53 -16.50 21.15
CA GLU A 212 -17.34 -17.66 21.51
C GLU A 212 -18.05 -17.47 22.83
N ASN A 213 -17.58 -16.54 23.67
CA ASN A 213 -18.17 -16.33 24.99
C ASN A 213 -19.55 -15.70 24.89
N GLY A 214 -19.72 -14.74 24.00
CA GLY A 214 -21.02 -14.11 23.82
C GLY A 214 -20.84 -12.66 23.44
N GLU A 215 -21.96 -11.95 23.48
CA GLU A 215 -21.96 -10.52 23.15
C GLU A 215 -22.15 -9.70 24.43
N THR A 216 -21.35 -9.98 25.46
CA THR A 216 -21.48 -9.34 26.76
C THR A 216 -20.73 -8.02 26.79
N ASP A 217 -21.23 -7.07 27.60
CA ASP A 217 -20.61 -5.76 27.72
C ASP A 217 -19.24 -5.84 28.38
N LYS A 218 -19.10 -6.73 29.37
CA LYS A 218 -17.78 -6.96 29.97
C LYS A 218 -16.85 -7.70 29.03
N ASN A 219 -17.40 -8.54 28.15
CA ASN A 219 -16.58 -9.27 27.20
C ASN A 219 -16.06 -8.35 26.10
N GLN A 220 -16.89 -7.43 25.61
CA GLN A 220 -16.43 -6.49 24.58
C GLN A 220 -15.31 -5.60 25.07
N GLU A 221 -15.25 -5.32 26.38
CA GLU A 221 -14.18 -4.48 26.90
C GLU A 221 -12.87 -5.27 26.98
N VAL A 222 -12.95 -6.58 27.20
CA VAL A 222 -11.77 -7.42 27.15
C VAL A 222 -11.25 -7.52 25.72
N ILE A 223 -12.16 -7.61 24.75
CA ILE A 223 -11.79 -7.59 23.35
C ILE A 223 -11.20 -6.24 22.98
N ASN A 224 -11.85 -5.15 23.41
CA ASN A 224 -11.35 -3.81 23.14
C ASN A 224 -9.97 -3.61 23.74
N THR A 225 -9.77 -4.07 24.98
CA THR A 225 -8.49 -3.81 25.63
C THR A 225 -7.38 -4.60 24.96
N MET A 226 -7.68 -5.84 24.58
CA MET A 226 -6.69 -6.71 23.94
C MET A 226 -6.23 -6.14 22.60
N LEU A 227 -7.18 -5.70 21.78
CA LEU A 227 -6.82 -5.25 20.44
C LEU A 227 -6.11 -3.91 20.47
N ARG A 228 -6.42 -3.04 21.45
CA ARG A 228 -5.95 -1.67 21.42
C ARG A 228 -4.54 -1.49 21.98
N THR A 229 -3.82 -2.58 22.30
CA THR A 229 -2.46 -2.43 22.82
C THR A 229 -1.52 -1.89 21.73
N PRO A 230 -0.37 -1.35 22.12
CA PRO A 230 0.55 -0.84 21.10
C PRO A 230 1.11 -1.95 20.21
N GLU A 231 1.29 -3.15 20.75
CA GLU A 231 1.85 -4.25 19.96
C GLU A 231 0.86 -4.70 18.90
N ASN A 232 -0.41 -4.88 19.30
CA ASN A 232 -1.43 -5.35 18.38
C ASN A 232 -1.81 -4.27 17.38
N ARG A 233 -1.78 -2.99 17.79
CA ARG A 233 -2.08 -1.91 16.84
C ARG A 233 -1.03 -1.84 15.74
N THR A 234 0.22 -2.13 16.11
CA THR A 234 1.30 -2.23 15.14
C THR A 234 1.07 -3.38 14.16
N LEU A 235 0.66 -4.55 14.66
CA LEU A 235 0.38 -5.70 13.81
C LEU A 235 -0.81 -5.43 12.88
N ILE A 236 -1.80 -4.67 13.33
CA ILE A 236 -2.92 -4.30 12.46
C ILE A 236 -2.44 -3.34 11.39
N LYS A 237 -1.55 -2.42 11.75
CA LYS A 237 -1.04 -1.43 10.80
C LYS A 237 -0.23 -2.14 9.72
N ARG A 238 0.58 -3.12 10.12
CA ARG A 238 1.34 -3.89 9.14
C ARG A 238 0.40 -4.63 8.19
N MET A 239 -0.67 -5.22 8.72
CA MET A 239 -1.60 -5.95 7.88
C MET A 239 -2.31 -5.00 6.92
N LEU A 240 -2.72 -3.83 7.42
CA LEU A 240 -3.47 -2.89 6.61
C LEU A 240 -2.64 -2.36 5.45
N ILE A 241 -1.37 -1.98 5.70
CA ILE A 241 -0.55 -1.49 4.61
C ILE A 241 -0.28 -2.62 3.63
N LYS A 242 -0.01 -3.83 4.15
CA LYS A 242 0.33 -4.97 3.32
C LYS A 242 -0.83 -5.34 2.39
N CYS A 243 -2.06 -5.27 2.90
CA CYS A 243 -3.24 -5.57 2.10
C CYS A 243 -3.51 -4.48 1.07
N ALA A 244 -3.43 -3.20 1.48
CA ALA A 244 -3.64 -2.11 0.53
C ALA A 244 -2.60 -2.16 -0.58
N ASP A 245 -1.33 -2.40 -0.21
CA ASP A 245 -0.28 -2.47 -1.21
C ASP A 245 -0.62 -3.45 -2.34
N VAL A 246 -1.17 -4.64 -2.02
CA VAL A 246 -1.47 -5.63 -3.06
C VAL A 246 -2.99 -5.89 -3.07
N SER A 247 -3.76 -4.82 -3.12
CA SER A 247 -5.20 -4.94 -3.17
C SER A 247 -5.72 -5.13 -4.59
N ASN A 248 -4.88 -4.95 -5.61
CA ASN A 248 -5.37 -4.96 -6.98
C ASN A 248 -6.12 -6.24 -7.37
N PRO A 249 -5.78 -7.45 -6.88
CA PRO A 249 -6.62 -8.63 -7.24
C PRO A 249 -8.04 -8.59 -6.65
N CYS A 250 -8.31 -7.74 -5.67
CA CYS A 250 -9.64 -7.56 -5.10
C CYS A 250 -10.38 -6.36 -5.70
N ARG A 251 -9.90 -5.80 -6.80
CA ARG A 251 -10.55 -4.68 -7.47
C ARG A 251 -11.55 -5.18 -8.51
N PRO A 252 -12.42 -4.29 -9.00
CA PRO A 252 -13.22 -4.58 -10.19
C PRO A 252 -12.36 -5.12 -11.32
N LEU A 253 -12.92 -6.09 -12.05
CA LEU A 253 -12.18 -6.88 -13.04
C LEU A 253 -11.37 -6.01 -14.00
N GLN A 254 -11.95 -4.88 -14.45
CA GLN A 254 -11.29 -4.04 -15.45
C GLN A 254 -9.98 -3.49 -14.88
N TYR A 255 -10.00 -3.07 -13.61
CA TYR A 255 -8.80 -2.61 -12.94
C TYR A 255 -7.84 -3.74 -12.57
N CYS A 256 -8.37 -4.87 -12.09
CA CYS A 256 -7.53 -6.02 -11.79
C CYS A 256 -6.66 -6.37 -12.99
N ILE A 257 -7.24 -6.35 -14.21
CA ILE A 257 -6.49 -6.78 -15.40
C ILE A 257 -5.39 -5.77 -15.75
N GLU A 258 -5.72 -4.48 -15.66
CA GLU A 258 -4.75 -3.42 -15.94
C GLU A 258 -3.54 -3.53 -15.00
N TRP A 259 -3.80 -3.68 -13.69
CA TRP A 259 -2.72 -3.84 -12.72
C TRP A 259 -1.86 -5.06 -13.04
N ALA A 260 -2.50 -6.18 -13.42
CA ALA A 260 -1.74 -7.36 -13.86
C ALA A 260 -0.82 -7.05 -15.04
N ALA A 261 -1.33 -6.34 -16.05
CA ALA A 261 -0.48 -6.05 -17.22
C ALA A 261 0.69 -5.15 -16.81
N ARG A 262 0.43 -4.12 -15.99
CA ARG A 262 1.48 -3.20 -15.56
C ARG A 262 2.58 -3.92 -14.79
N ILE A 263 2.23 -4.68 -13.75
CA ILE A 263 3.29 -5.35 -13.01
C ILE A 263 3.98 -6.40 -13.88
N SER A 264 3.25 -7.07 -14.78
CA SER A 264 3.90 -8.05 -15.66
C SER A 264 4.88 -7.38 -16.61
N GLU A 265 4.46 -6.28 -17.26
CA GLU A 265 5.37 -5.55 -18.14
C GLU A 265 6.65 -5.13 -17.39
N GLU A 266 6.49 -4.67 -16.14
CA GLU A 266 7.62 -4.25 -15.31
C GLU A 266 8.58 -5.41 -15.04
N TYR A 267 8.05 -6.60 -14.73
CA TYR A 267 8.91 -7.76 -14.51
C TYR A 267 9.50 -8.30 -15.81
N PHE A 268 8.83 -8.11 -16.95
CA PHE A 268 9.47 -8.51 -18.22
C PHE A 268 10.66 -7.60 -18.52
N SER A 269 10.54 -6.29 -18.23
CA SER A 269 11.66 -5.39 -18.48
C SER A 269 12.87 -5.81 -17.70
N GLN A 270 12.69 -6.20 -16.44
CA GLN A 270 13.83 -6.60 -15.62
C GLN A 270 14.47 -7.89 -16.14
N THR A 271 13.64 -8.76 -16.71
CA THR A 271 14.12 -10.05 -17.21
C THR A 271 14.93 -9.87 -18.49
N ASP A 272 14.50 -8.93 -19.36
CA ASP A 272 15.28 -8.58 -20.53
C ASP A 272 16.64 -7.99 -20.16
N GLU A 273 16.67 -7.15 -19.12
CA GLU A 273 17.93 -6.56 -18.69
C GLU A 273 18.84 -7.61 -18.06
N GLU A 274 18.27 -8.52 -17.27
CA GLU A 274 19.09 -9.53 -16.58
C GLU A 274 19.77 -10.45 -17.58
N LYS A 275 19.06 -10.87 -18.64
CA LYS A 275 19.67 -11.74 -19.64
C LYS A 275 20.71 -10.98 -20.46
N GLN A 276 20.42 -9.72 -20.79
CA GLN A 276 21.35 -8.91 -21.57
C GLN A 276 22.66 -8.70 -20.80
N GLN A 277 22.56 -8.31 -19.53
CA GLN A 277 23.74 -8.01 -18.71
C GLN A 277 24.43 -9.25 -18.16
N GLY A 278 23.82 -10.43 -18.27
CA GLY A 278 24.39 -11.64 -17.75
C GLY A 278 24.09 -11.95 -16.30
N LEU A 279 23.18 -11.18 -15.67
CA LEU A 279 22.83 -11.36 -14.27
C LEU A 279 21.97 -12.60 -14.06
N PRO A 280 22.00 -13.18 -12.85
CA PRO A 280 21.15 -14.35 -12.57
C PRO A 280 19.69 -13.97 -12.68
N VAL A 281 18.91 -14.85 -13.31
CA VAL A 281 17.51 -14.56 -13.63
C VAL A 281 16.68 -14.94 -12.42
N VAL A 282 16.21 -13.93 -11.68
CA VAL A 282 15.57 -14.20 -10.40
C VAL A 282 14.10 -14.57 -10.60
N MET A 283 13.45 -14.03 -11.64
CA MET A 283 12.07 -14.35 -11.99
C MET A 283 12.04 -15.01 -13.36
N PRO A 284 12.44 -16.28 -13.46
CA PRO A 284 12.45 -16.93 -14.79
C PRO A 284 11.08 -17.05 -15.43
N VAL A 285 10.00 -17.19 -14.65
CA VAL A 285 8.70 -17.37 -15.26
C VAL A 285 8.23 -16.07 -15.91
N PHE A 286 8.77 -14.92 -15.50
CA PHE A 286 8.26 -13.63 -15.97
C PHE A 286 9.14 -13.11 -17.11
N ASP A 287 9.04 -13.83 -18.23
CA ASP A 287 9.68 -13.48 -19.50
C ASP A 287 8.59 -13.15 -20.50
N ARG A 288 8.73 -12.03 -21.20
CA ARG A 288 7.69 -11.68 -22.15
C ARG A 288 7.53 -12.72 -23.25
N ASN A 289 8.54 -13.58 -23.45
CA ASN A 289 8.49 -14.58 -24.51
C ASN A 289 7.81 -15.87 -24.10
N THR A 290 7.62 -16.12 -22.80
CA THR A 290 7.05 -17.39 -22.37
C THR A 290 5.93 -17.25 -21.34
N CYS A 291 5.65 -16.05 -20.85
CA CYS A 291 4.85 -15.92 -19.63
C CYS A 291 3.38 -15.92 -19.97
N SER A 292 2.63 -16.84 -19.34
CA SER A 292 1.18 -16.77 -19.36
C SER A 292 0.74 -15.86 -18.24
N ILE A 293 0.29 -14.65 -18.58
CA ILE A 293 -0.15 -13.70 -17.55
C ILE A 293 -1.30 -14.26 -16.71
N PRO A 294 -2.42 -14.76 -17.30
CA PRO A 294 -3.47 -15.34 -16.44
C PRO A 294 -2.99 -16.43 -15.49
N LYS A 295 -2.12 -17.34 -15.94
CA LYS A 295 -1.68 -18.39 -15.04
C LYS A 295 -0.73 -17.85 -13.97
N SER A 296 0.10 -16.86 -14.31
CA SER A 296 0.97 -16.27 -13.30
C SER A 296 0.14 -15.51 -12.25
N GLN A 297 -0.96 -14.87 -12.67
CA GLN A 297 -1.83 -14.18 -11.71
C GLN A 297 -2.46 -15.17 -10.75
N ILE A 298 -2.87 -16.33 -11.26
CA ILE A 298 -3.39 -17.38 -10.40
C ILE A 298 -2.34 -17.82 -9.39
N SER A 299 -1.10 -18.03 -9.85
CA SER A 299 -0.06 -18.43 -8.91
C SER A 299 0.15 -17.35 -7.87
N PHE A 300 0.18 -16.10 -8.32
CA PHE A 300 0.35 -14.98 -7.42
C PHE A 300 -0.74 -14.97 -6.36
N ILE A 301 -1.99 -15.12 -6.77
CA ILE A 301 -3.12 -15.04 -5.84
C ILE A 301 -3.09 -16.20 -4.87
N ASP A 302 -2.69 -17.39 -5.33
CA ASP A 302 -2.64 -18.55 -4.44
C ASP A 302 -1.55 -18.41 -3.38
N TYR A 303 -0.43 -17.79 -3.74
CA TYR A 303 0.75 -17.73 -2.86
C TYR A 303 0.67 -16.59 -1.86
N PHE A 304 0.33 -15.37 -2.30
CA PHE A 304 0.36 -14.19 -1.44
C PHE A 304 -1.03 -13.67 -1.04
N ILE A 305 -2.04 -13.76 -1.91
CA ILE A 305 -3.27 -12.99 -1.71
C ILE A 305 -4.31 -13.77 -0.90
N THR A 306 -4.45 -15.09 -1.11
CA THR A 306 -5.67 -15.75 -0.63
C THR A 306 -5.71 -15.84 0.90
N ASP A 307 -4.63 -16.32 1.52
CA ASP A 307 -4.61 -16.44 2.97
C ASP A 307 -4.55 -15.07 3.63
N MET A 308 -3.77 -14.15 3.06
CA MET A 308 -3.64 -12.82 3.65
C MET A 308 -4.98 -12.08 3.68
N PHE A 309 -5.72 -12.12 2.58
CA PHE A 309 -7.00 -11.41 2.54
C PHE A 309 -8.08 -12.18 3.26
N ASP A 310 -7.94 -13.51 3.34
CA ASP A 310 -8.82 -14.29 4.20
C ASP A 310 -8.73 -13.84 5.66
N ALA A 311 -7.50 -13.71 6.19
CA ALA A 311 -7.33 -13.24 7.56
C ALA A 311 -7.84 -11.80 7.71
N TRP A 312 -7.46 -10.90 6.78
CA TRP A 312 -7.85 -9.50 6.88
C TRP A 312 -9.36 -9.36 6.83
N ASP A 313 -10.00 -10.04 5.88
CA ASP A 313 -11.45 -10.08 5.78
C ASP A 313 -12.10 -10.66 7.04
N ALA A 314 -11.50 -11.67 7.66
CA ALA A 314 -12.12 -12.21 8.88
C ALA A 314 -12.09 -11.19 10.00
N PHE A 315 -11.08 -10.31 10.00
CA PHE A 315 -10.96 -9.29 11.02
C PHE A 315 -11.87 -8.09 10.71
N VAL A 316 -11.80 -7.58 9.48
CA VAL A 316 -12.42 -6.30 9.14
C VAL A 316 -13.84 -6.47 8.56
N ASP A 317 -14.12 -7.60 7.90
CA ASP A 317 -15.34 -7.92 7.14
C ASP A 317 -15.36 -7.16 5.81
N LEU A 318 -14.77 -7.75 4.77
CA LEU A 318 -14.59 -7.08 3.49
C LEU A 318 -15.26 -7.87 2.36
N PRO A 319 -16.60 -7.99 2.38
CA PRO A 319 -17.28 -8.85 1.39
C PRO A 319 -17.02 -8.46 -0.05
N ASP A 320 -17.08 -7.16 -0.38
CA ASP A 320 -16.85 -6.71 -1.76
C ASP A 320 -15.47 -7.11 -2.27
N LEU A 321 -14.42 -6.99 -1.44
CA LEU A 321 -13.10 -7.40 -1.89
C LEU A 321 -13.05 -8.91 -2.20
N MET A 322 -13.64 -9.75 -1.32
CA MET A 322 -13.59 -11.20 -1.55
C MET A 322 -14.47 -11.60 -2.72
N GLN A 323 -15.58 -10.89 -2.94
CA GLN A 323 -16.38 -11.18 -4.12
C GLN A 323 -15.61 -10.83 -5.39
N HIS A 324 -14.93 -9.68 -5.40
CA HIS A 324 -14.13 -9.33 -6.56
C HIS A 324 -13.00 -10.32 -6.76
N LEU A 325 -12.32 -10.69 -5.66
CA LEU A 325 -11.26 -11.69 -5.69
C LEU A 325 -11.74 -12.97 -6.37
N ASP A 326 -12.91 -13.48 -5.95
CA ASP A 326 -13.44 -14.69 -6.57
C ASP A 326 -13.72 -14.51 -8.06
N ASN A 327 -14.44 -13.43 -8.42
CA ASN A 327 -14.74 -13.14 -9.83
C ASN A 327 -13.46 -13.03 -10.66
N ASN A 328 -12.42 -12.41 -10.10
CA ASN A 328 -11.19 -12.19 -10.88
C ASN A 328 -10.43 -13.50 -11.04
N PHE A 329 -10.36 -14.29 -9.97
CA PHE A 329 -9.76 -15.62 -10.05
C PHE A 329 -10.45 -16.46 -11.13
N LYS A 330 -11.78 -16.41 -11.19
CA LYS A 330 -12.49 -17.21 -12.16
C LYS A 330 -12.25 -16.69 -13.56
N TYR A 331 -12.14 -15.37 -13.72
CA TYR A 331 -11.80 -14.82 -15.03
C TYR A 331 -10.46 -15.35 -15.53
N TRP A 332 -9.43 -15.34 -14.67
CA TRP A 332 -8.13 -15.87 -15.09
C TRP A 332 -8.21 -17.35 -15.46
N LYS A 333 -8.94 -18.15 -14.68
CA LYS A 333 -9.10 -19.56 -15.00
C LYS A 333 -9.82 -19.74 -16.33
N GLY A 334 -10.80 -18.88 -16.62
CA GLY A 334 -11.61 -19.03 -17.80
C GLY A 334 -10.90 -18.71 -19.10
N LEU A 335 -9.81 -17.93 -19.04
CA LEU A 335 -9.07 -17.55 -20.24
C LEU A 335 -8.18 -18.65 -20.81
N ASP A 336 -8.03 -19.79 -20.11
CA ASP A 336 -7.16 -20.84 -20.62
C ASP A 336 -7.69 -21.39 -21.93
N GLU A 337 -8.91 -21.95 -21.91
CA GLU A 337 -9.62 -22.39 -23.12
C GLU A 337 -8.83 -23.45 -23.91
N MET A 338 -7.95 -24.18 -23.24
CA MET A 338 -7.04 -25.13 -23.90
C MET A 338 -6.90 -26.45 -23.12
ZN ZN B . 3.64 -0.77 -3.38
MG MG C . 7.67 -1.56 -2.19
N1 7XI D . 0.91 -9.78 -9.65
C8 7XI D . 1.47 -6.41 -6.89
C5 7XI D . 0.85 -7.90 -8.26
C6 7XI D . 0.19 -8.76 -9.14
N3 7XI D . 2.91 -9.13 -8.51
C4 7XI D . 2.17 -8.13 -7.99
C2 7XI D . 2.19 -9.88 -9.32
N7 7XI D . 2.58 -7.16 -7.12
N9 7XI D . 0.39 -6.77 -7.53
N10 7XI D . -1.07 -8.63 -9.53
CL1 7XI D . 3.07 -11.13 -10.15
C12 7XI D . 3.91 -6.98 -6.54
C13 7XI D . 4.32 -8.13 -5.65
C14 7XI D . 5.05 -9.18 -6.17
C15 7XI D . 5.40 -10.25 -5.38
C16 7XI D . 5.03 -10.29 -4.06
C17 7XI D . 4.32 -9.23 -3.53
C18 7XI D . 3.95 -8.16 -4.31
O19 7XI D . 4.14 -9.44 -2.17
C20 7XI D . 3.44 -8.48 -1.38
C21 7XI D . 4.34 -8.42 -0.05
F22 7XI D . 4.64 -9.69 0.36
F23 7XI D . 5.54 -7.85 -0.33
#